data_5WKB
# 
_entry.id   5WKB 
# 
_audit_conform.dict_name       mmcif_pdbx.dic 
_audit_conform.dict_version    5.387 
_audit_conform.dict_location   http://mmcif.pdb.org/dictionaries/ascii/mmcif_pdbx.dic 
# 
loop_
_database_2.database_id 
_database_2.database_code 
_database_2.pdbx_database_accession 
_database_2.pdbx_DOI 
PDB   5WKB         pdb_00005wkb 10.2210/pdb5wkb/pdb 
WWPDB D_1000229178 ?            ?                   
EMDB  EMD-8857     ?            ?                   
# 
loop_
_pdbx_audit_revision_history.ordinal 
_pdbx_audit_revision_history.data_content_type 
_pdbx_audit_revision_history.major_revision 
_pdbx_audit_revision_history.minor_revision 
_pdbx_audit_revision_history.revision_date 
1 'Structure model' 1 0 2018-05-23 
2 'Structure model' 1 1 2018-05-30 
3 'Structure model' 1 2 2018-06-06 
4 'Structure model' 1 3 2018-06-20 
5 'Structure model' 1 4 2019-12-18 
6 'Structure model' 1 5 2021-06-30 
7 'Structure model' 1 6 2024-03-13 
# 
_pdbx_audit_revision_details.ordinal             1 
_pdbx_audit_revision_details.revision_ordinal    1 
_pdbx_audit_revision_details.data_content_type   'Structure model' 
_pdbx_audit_revision_details.provider            repository 
_pdbx_audit_revision_details.type                'Initial release' 
_pdbx_audit_revision_details.description         ? 
_pdbx_audit_revision_details.details             ? 
# 
loop_
_pdbx_audit_revision_group.ordinal 
_pdbx_audit_revision_group.revision_ordinal 
_pdbx_audit_revision_group.data_content_type 
_pdbx_audit_revision_group.group 
1  2 'Structure model' 'Data collection'            
2  2 'Structure model' 'Database references'        
3  3 'Structure model' 'Data collection'            
4  3 'Structure model' 'Database references'        
5  4 'Structure model' 'Data collection'            
6  4 'Structure model' 'Database references'        
7  5 'Structure model' 'Author supporting evidence' 
8  6 'Structure model' 'Data collection'            
9  7 'Structure model' 'Data collection'            
10 7 'Structure model' 'Database references'        
# 
loop_
_pdbx_audit_revision_category.ordinal 
_pdbx_audit_revision_category.revision_ordinal 
_pdbx_audit_revision_category.data_content_type 
_pdbx_audit_revision_category.category 
1  2 'Structure model' citation           
2  2 'Structure model' citation_author    
3  3 'Structure model' citation           
4  3 'Structure model' diffrn_source      
5  4 'Structure model' citation           
6  5 'Structure model' pdbx_audit_support 
7  6 'Structure model' diffrn_detector    
8  7 'Structure model' chem_comp_atom     
9  7 'Structure model' chem_comp_bond     
10 7 'Structure model' database_2         
# 
loop_
_pdbx_audit_revision_item.ordinal 
_pdbx_audit_revision_item.revision_ordinal 
_pdbx_audit_revision_item.data_content_type 
_pdbx_audit_revision_item.item 
1  2 'Structure model' '_citation.country'                        
2  2 'Structure model' '_citation.journal_abbrev'                 
3  2 'Structure model' '_citation.journal_id_CSD'                 
4  2 'Structure model' '_citation.journal_id_ISSN'                
5  2 'Structure model' '_citation.title'                          
6  3 'Structure model' '_citation.journal_abbrev'                 
7  3 'Structure model' '_citation.pdbx_database_id_PubMed'        
8  3 'Structure model' '_citation.title'                          
9  3 'Structure model' '_diffrn_source.source'                    
10 4 'Structure model' '_citation.journal_volume'                 
11 4 'Structure model' '_citation.page_first'                     
12 4 'Structure model' '_citation.page_last'                      
13 5 'Structure model' '_pdbx_audit_support.funding_organization' 
14 6 'Structure model' '_diffrn_detector.detector'                
15 7 'Structure model' '_database_2.pdbx_DOI'                     
16 7 'Structure model' '_database_2.pdbx_database_accession'      
# 
_pdbx_database_status.status_code                     REL 
_pdbx_database_status.status_code_sf                  REL 
_pdbx_database_status.status_code_mr                  ? 
_pdbx_database_status.entry_id                        5WKB 
_pdbx_database_status.recvd_initial_deposition_date   2017-07-24 
_pdbx_database_status.SG_entry                        N 
_pdbx_database_status.deposit_site                    RCSB 
_pdbx_database_status.process_site                    RCSB 
_pdbx_database_status.status_code_cs                  ? 
_pdbx_database_status.methods_development_category    ? 
_pdbx_database_status.pdb_format_compatible           Y 
_pdbx_database_status.status_code_nmr_data            ? 
# 
_pdbx_database_related.db_name        EMDB 
_pdbx_database_related.details        
'MicroED structure of the segment, NFGEFS, from the A315E familial variant of the low complexity domain of TDP-43, residues 312-317' 
_pdbx_database_related.db_id          EMD-8857 
_pdbx_database_related.content_type   'associated EM volume' 
# 
loop_
_audit_author.name 
_audit_author.pdbx_ordinal 
_audit_author.identifier_ORCID 
'Guenther, E.L.'  1 ?                   
'Sawaya, M.R.'    2 0000-0003-0874-9043 
'Cascio, D.'      3 ?                   
'Eisenberg, D.S.' 4 ?                   
# 
_citation.abstract                  ? 
_citation.abstract_id_CAS           ? 
_citation.book_id_ISBN              ? 
_citation.book_publisher            ? 
_citation.book_publisher_city       ? 
_citation.book_title                ? 
_citation.coordinate_linkage        ? 
_citation.country                   US 
_citation.database_id_Medline       ? 
_citation.details                   ? 
_citation.id                        primary 
_citation.journal_abbrev            'Nat. Struct. Mol. Biol.' 
_citation.journal_id_ASTM           ? 
_citation.journal_id_CSD            ? 
_citation.journal_id_ISSN           1545-9985 
_citation.journal_full              ? 
_citation.journal_issue             ? 
_citation.journal_volume            25 
_citation.language                  ? 
_citation.page_first                463 
_citation.page_last                 471 
_citation.title                     
'Atomic structures of TDP-43 LCD segments and insights into reversible or pathogenic aggregation.' 
_citation.year                      2018 
_citation.database_id_CSD           ? 
_citation.pdbx_database_id_DOI      10.1038/s41594-018-0064-2 
_citation.pdbx_database_id_PubMed   29786080 
_citation.unpublished_flag          ? 
# 
loop_
_citation_author.citation_id 
_citation_author.name 
_citation_author.ordinal 
_citation_author.identifier_ORCID 
primary 'Guenther, E.L.'  1  ? 
primary 'Cao, Q.'         2  ? 
primary 'Trinh, H.'       3  ? 
primary 'Lu, J.'          4  ? 
primary 'Sawaya, M.R.'    5  ? 
primary 'Cascio, D.'      6  ? 
primary 'Boyer, D.R.'     7  ? 
primary 'Rodriguez, J.A.' 8  ? 
primary 'Hughes, M.P.'    9  ? 
primary 'Eisenberg, D.S.' 10 ? 
# 
loop_
_entity.id 
_entity.type 
_entity.src_method 
_entity.pdbx_description 
_entity.formula_weight 
_entity.pdbx_number_of_molecules 
_entity.pdbx_ec 
_entity.pdbx_mutation 
_entity.pdbx_fragment 
_entity.details 
1 polymer syn 'TAR DNA-binding protein 43' 699.709 1 ? A315E 'UNP residues 312-317' ? 
2 water   nat water                        18.015  2 ? ?     ?                      ? 
# 
_entity_name_com.entity_id   1 
_entity_name_com.name        TDP-43 
# 
_entity_poly.entity_id                      1 
_entity_poly.type                           'polypeptide(L)' 
_entity_poly.nstd_linkage                   no 
_entity_poly.nstd_monomer                   no 
_entity_poly.pdbx_seq_one_letter_code       NFGEFS 
_entity_poly.pdbx_seq_one_letter_code_can   NFGEFS 
_entity_poly.pdbx_strand_id                 A 
_entity_poly.pdbx_target_identifier         ? 
# 
_pdbx_entity_nonpoly.entity_id   2 
_pdbx_entity_nonpoly.name        water 
_pdbx_entity_nonpoly.comp_id     HOH 
# 
loop_
_entity_poly_seq.entity_id 
_entity_poly_seq.num 
_entity_poly_seq.mon_id 
_entity_poly_seq.hetero 
1 1 ASN n 
1 2 PHE n 
1 3 GLY n 
1 4 GLU n 
1 5 PHE n 
1 6 SER n 
# 
_pdbx_entity_src_syn.entity_id              1 
_pdbx_entity_src_syn.pdbx_src_id            1 
_pdbx_entity_src_syn.pdbx_alt_source_flag   sample 
_pdbx_entity_src_syn.pdbx_beg_seq_num       1 
_pdbx_entity_src_syn.pdbx_end_seq_num       6 
_pdbx_entity_src_syn.organism_scientific    'Homo sapiens' 
_pdbx_entity_src_syn.organism_common_name   Human 
_pdbx_entity_src_syn.ncbi_taxonomy_id       9606 
_pdbx_entity_src_syn.details                ? 
# 
loop_
_chem_comp.id 
_chem_comp.type 
_chem_comp.mon_nstd_flag 
_chem_comp.name 
_chem_comp.pdbx_synonyms 
_chem_comp.formula 
_chem_comp.formula_weight 
ALA 'L-peptide linking' y ALANINE         ? 'C3 H7 N O2'  89.093  
ASN 'L-peptide linking' y ASPARAGINE      ? 'C4 H8 N2 O3' 132.118 
GLU 'L-peptide linking' y 'GLUTAMIC ACID' ? 'C5 H9 N O4'  147.129 
GLY 'peptide linking'   y GLYCINE         ? 'C2 H5 N O2'  75.067  
HOH non-polymer         . WATER           ? 'H2 O'        18.015  
PHE 'L-peptide linking' y PHENYLALANINE   ? 'C9 H11 N O2' 165.189 
SER 'L-peptide linking' y SERINE          ? 'C3 H7 N O3'  105.093 
# 
loop_
_pdbx_poly_seq_scheme.asym_id 
_pdbx_poly_seq_scheme.entity_id 
_pdbx_poly_seq_scheme.seq_id 
_pdbx_poly_seq_scheme.mon_id 
_pdbx_poly_seq_scheme.ndb_seq_num 
_pdbx_poly_seq_scheme.pdb_seq_num 
_pdbx_poly_seq_scheme.auth_seq_num 
_pdbx_poly_seq_scheme.pdb_mon_id 
_pdbx_poly_seq_scheme.auth_mon_id 
_pdbx_poly_seq_scheme.pdb_strand_id 
_pdbx_poly_seq_scheme.pdb_ins_code 
_pdbx_poly_seq_scheme.hetero 
A 1 1 ASN 1 312 1 ASN ASN A . n 
A 1 2 PHE 2 313 2 PHE PHE A . n 
A 1 3 GLY 3 314 3 GLY GLY A . n 
A 1 4 GLU 4 315 4 GLU GLU A . n 
A 1 5 PHE 5 316 5 PHE PHE A . n 
A 1 6 SER 6 317 6 SER SER A . n 
# 
loop_
_pdbx_nonpoly_scheme.asym_id 
_pdbx_nonpoly_scheme.entity_id 
_pdbx_nonpoly_scheme.mon_id 
_pdbx_nonpoly_scheme.ndb_seq_num 
_pdbx_nonpoly_scheme.pdb_seq_num 
_pdbx_nonpoly_scheme.auth_seq_num 
_pdbx_nonpoly_scheme.pdb_mon_id 
_pdbx_nonpoly_scheme.auth_mon_id 
_pdbx_nonpoly_scheme.pdb_strand_id 
_pdbx_nonpoly_scheme.pdb_ins_code 
B 2 HOH 1 101 1 HOH HOH A . 
B 2 HOH 2 102 2 HOH HOH A . 
# 
loop_
_software.citation_id 
_software.classification 
_software.compiler_name 
_software.compiler_version 
_software.contact_author 
_software.contact_author_email 
_software.date 
_software.description 
_software.dependencies 
_software.hardware 
_software.language 
_software.location 
_software.mods 
_software.name 
_software.os 
_software.os_version 
_software.type 
_software.version 
_software.pdbx_ordinal 
? 'data scaling'    ? ? 'Wolfgang Kabsch'    ?                        ?                ? ? ? ?          
http://www.mpimf-heidelberg.mpg.de/~kabsch/xds/html_doc/xscale_program.html ? XSCALE      ? ? package .    1 
? refinement        ? ? 'Garib N. Murshudov' garib@ysbl.york.ac.uk    ?                ? ? ? Fortran_77 
http://www.ccp4.ac.uk/dist/html/refmac5.html                                ? REFMAC      ? ? program .    2 
? 'data extraction' ? ? PDB                  deposit@deposit.rcsb.org 'July. 13, 2016' ? ? ? C++        
http://sw-tools.pdb.org/apps/PDB_EXTRACT/                                   ? PDB_EXTRACT ? ? package 3.22 3 
? 'data reduction'  ? ? ?                    ?                        ?                ? ? ? ?          ? ? XDS         ? ? ? .    
4 
# 
_cell.angle_alpha                  90.000 
_cell.angle_alpha_esd              ? 
_cell.angle_beta                   90.000 
_cell.angle_beta_esd               ? 
_cell.angle_gamma                  90.000 
_cell.angle_gamma_esd              ? 
_cell.entry_id                     5WKB 
_cell.details                      ? 
_cell.formula_units_Z              ? 
_cell.length_a                     42.770 
_cell.length_a_esd                 ? 
_cell.length_b                     17.420 
_cell.length_b_esd                 ? 
_cell.length_c                     4.900 
_cell.length_c_esd                 ? 
_cell.volume                       ? 
_cell.volume_esd                   ? 
_cell.Z_PDB                        4 
_cell.reciprocal_angle_alpha       ? 
_cell.reciprocal_angle_beta        ? 
_cell.reciprocal_angle_gamma       ? 
_cell.reciprocal_angle_alpha_esd   ? 
_cell.reciprocal_angle_beta_esd    ? 
_cell.reciprocal_angle_gamma_esd   ? 
_cell.reciprocal_length_a          ? 
_cell.reciprocal_length_b          ? 
_cell.reciprocal_length_c          ? 
_cell.reciprocal_length_a_esd      ? 
_cell.reciprocal_length_b_esd      ? 
_cell.reciprocal_length_c_esd      ? 
_cell.pdbx_unique_axis             ? 
# 
_symmetry.entry_id                         5WKB 
_symmetry.cell_setting                     ? 
_symmetry.Int_Tables_number                18 
_symmetry.space_group_name_Hall            ? 
_symmetry.space_group_name_H-M             'P 21 21 2' 
_symmetry.pdbx_full_space_group_name_H-M   ? 
# 
_exptl.absorpt_coefficient_mu     ? 
_exptl.absorpt_correction_T_max   ? 
_exptl.absorpt_correction_T_min   ? 
_exptl.absorpt_correction_type    ? 
_exptl.absorpt_process_details    ? 
_exptl.entry_id                   5WKB 
_exptl.crystals_number            ? 
_exptl.details                    ? 
_exptl.method                     'ELECTRON CRYSTALLOGRAPHY' 
_exptl.method_details             ? 
# 
_exptl_crystal.colour                      ? 
_exptl_crystal.density_diffrn              ? 
_exptl_crystal.density_Matthews            ? 
_exptl_crystal.density_method              ? 
_exptl_crystal.density_percent_sol         ? 
_exptl_crystal.description                 ? 
_exptl_crystal.F_000                       ? 
_exptl_crystal.id                          1 
_exptl_crystal.preparation                 ? 
_exptl_crystal.size_max                    ? 
_exptl_crystal.size_mid                    ? 
_exptl_crystal.size_min                    ? 
_exptl_crystal.size_rad                    ? 
_exptl_crystal.colour_lustre               ? 
_exptl_crystal.colour_modifier             ? 
_exptl_crystal.colour_primary              ? 
_exptl_crystal.density_meas                ? 
_exptl_crystal.density_meas_esd            ? 
_exptl_crystal.density_meas_gt             ? 
_exptl_crystal.density_meas_lt             ? 
_exptl_crystal.density_meas_temp           ? 
_exptl_crystal.density_meas_temp_esd       ? 
_exptl_crystal.density_meas_temp_gt        ? 
_exptl_crystal.density_meas_temp_lt        ? 
_exptl_crystal.pdbx_crystal_image_url      ? 
_exptl_crystal.pdbx_crystal_image_format   ? 
_exptl_crystal.pdbx_mosaicity              ? 
_exptl_crystal.pdbx_mosaicity_esd          ? 
# 
_exptl_crystal_grow.apparatus       ? 
_exptl_crystal_grow.atmosphere      ? 
_exptl_crystal_grow.crystal_id      1 
_exptl_crystal_grow.details         ? 
_exptl_crystal_grow.method          Batch 
_exptl_crystal_grow.method_ref      ? 
_exptl_crystal_grow.pH              7.5 
_exptl_crystal_grow.pressure        ? 
_exptl_crystal_grow.pressure_esd    ? 
_exptl_crystal_grow.seeding         ? 
_exptl_crystal_grow.seeding_ref     ? 
_exptl_crystal_grow.temp            298 
_exptl_crystal_grow.temp_details    ? 
_exptl_crystal_grow.temp_esd        ? 
_exptl_crystal_grow.time            ? 
_exptl_crystal_grow.pdbx_details    '1x PBS, pH 7.5' 
_exptl_crystal_grow.pdbx_pH_range   ? 
# 
_diffrn.ambient_environment              ? 
_diffrn.ambient_temp                     100 
_diffrn.ambient_temp_details             ? 
_diffrn.ambient_temp_esd                 ? 
_diffrn.crystal_id                       1 
_diffrn.crystal_support                  ? 
_diffrn.crystal_treatment                ? 
_diffrn.details                          ? 
_diffrn.id                               1 
_diffrn.ambient_pressure                 ? 
_diffrn.ambient_pressure_esd             ? 
_diffrn.ambient_pressure_gt              ? 
_diffrn.ambient_pressure_lt              ? 
_diffrn.ambient_temp_gt                  ? 
_diffrn.ambient_temp_lt                  ? 
_diffrn.pdbx_serial_crystal_experiment   ? 
# 
_diffrn_detector.details                      ? 
_diffrn_detector.detector                     CMOS 
_diffrn_detector.diffrn_id                    1 
_diffrn_detector.type                         'TVIPS F416 CMOS CAMERA' 
_diffrn_detector.area_resol_mean              ? 
_diffrn_detector.dtime                        ? 
_diffrn_detector.pdbx_frames_total            ? 
_diffrn_detector.pdbx_collection_time_total   ? 
_diffrn_detector.pdbx_collection_date         2016-08-26 
# 
_diffrn_radiation_wavelength.id           1 
_diffrn_radiation_wavelength.wavelength   0.0251 
_diffrn_radiation_wavelength.wt           1.0 
# 
_diffrn_source.current                     ? 
_diffrn_source.details                     ? 
_diffrn_source.diffrn_id                   1 
_diffrn_source.power                       ? 
_diffrn_source.size                        ? 
_diffrn_source.source                      'ELECTRON MICROSCOPE' 
_diffrn_source.target                      ? 
_diffrn_source.type                        'TECNAI F20 TEM' 
_diffrn_source.voltage                     ? 
_diffrn_source.take-off_angle              ? 
_diffrn_source.pdbx_wavelength_list        0.0251 
_diffrn_source.pdbx_wavelength             ? 
_diffrn_source.pdbx_synchrotron_beamline   ? 
_diffrn_source.pdbx_synchrotron_site       ? 
# 
_reflns.B_iso_Wilson_estimate            7.454 
_reflns.entry_id                         5WKB 
_reflns.data_reduction_details           ? 
_reflns.data_reduction_method            ? 
_reflns.d_resolution_high                1.000 
_reflns.d_resolution_low                 21.390 
_reflns.details                          ? 
_reflns.limit_h_max                      ? 
_reflns.limit_h_min                      ? 
_reflns.limit_k_max                      ? 
_reflns.limit_k_min                      ? 
_reflns.limit_l_max                      ? 
_reflns.limit_l_min                      ? 
_reflns.number_all                       ? 
_reflns.number_obs                       2004 
_reflns.observed_criterion               ? 
_reflns.observed_criterion_F_max         ? 
_reflns.observed_criterion_F_min         ? 
_reflns.observed_criterion_I_max         ? 
_reflns.observed_criterion_I_min         ? 
_reflns.observed_criterion_sigma_F       ? 
_reflns.observed_criterion_sigma_I       -3.000 
_reflns.percent_possible_obs             88.700 
_reflns.R_free_details                   ? 
_reflns.Rmerge_F_all                     ? 
_reflns.Rmerge_F_obs                     ? 
_reflns.Friedel_coverage                 ? 
_reflns.number_gt                        ? 
_reflns.threshold_expression             ? 
_reflns.pdbx_redundancy                  9.452 
_reflns.pdbx_Rmerge_I_obs                0.283 
_reflns.pdbx_Rmerge_I_all                ? 
_reflns.pdbx_Rsym_value                  ? 
_reflns.pdbx_netI_over_av_sigmaI         ? 
_reflns.pdbx_netI_over_sigmaI            4.640 
_reflns.pdbx_res_netI_over_av_sigmaI_2   ? 
_reflns.pdbx_res_netI_over_sigmaI_2      ? 
_reflns.pdbx_chi_squared                 0.775 
_reflns.pdbx_scaling_rejects             6 
_reflns.pdbx_d_res_high_opt              ? 
_reflns.pdbx_d_res_low_opt               ? 
_reflns.pdbx_d_res_opt_method            ? 
_reflns.phase_calculation_details        ? 
_reflns.pdbx_Rrim_I_all                  0.299 
_reflns.pdbx_Rpim_I_all                  ? 
_reflns.pdbx_d_opt                       ? 
_reflns.pdbx_number_measured_all         18942 
_reflns.pdbx_diffrn_id                   1 
_reflns.pdbx_ordinal                     1 
_reflns.pdbx_CC_half                     0.992 
_reflns.pdbx_R_split                     ? 
# 
loop_
_reflns_shell.d_res_high 
_reflns_shell.d_res_low 
_reflns_shell.meanI_over_sigI_all 
_reflns_shell.meanI_over_sigI_obs 
_reflns_shell.number_measured_all 
_reflns_shell.number_measured_obs 
_reflns_shell.number_possible 
_reflns_shell.number_unique_all 
_reflns_shell.number_unique_obs 
_reflns_shell.percent_possible_all 
_reflns_shell.percent_possible_obs 
_reflns_shell.Rmerge_F_all 
_reflns_shell.Rmerge_F_obs 
_reflns_shell.Rmerge_I_all 
_reflns_shell.Rmerge_I_obs 
_reflns_shell.meanI_over_sigI_gt 
_reflns_shell.meanI_over_uI_all 
_reflns_shell.meanI_over_uI_gt 
_reflns_shell.number_measured_gt 
_reflns_shell.number_unique_gt 
_reflns_shell.percent_possible_gt 
_reflns_shell.Rmerge_F_gt 
_reflns_shell.Rmerge_I_gt 
_reflns_shell.pdbx_redundancy 
_reflns_shell.pdbx_Rsym_value 
_reflns_shell.pdbx_chi_squared 
_reflns_shell.pdbx_netI_over_sigmaI_all 
_reflns_shell.pdbx_netI_over_sigmaI_obs 
_reflns_shell.pdbx_Rrim_I_all 
_reflns_shell.pdbx_Rpim_I_all 
_reflns_shell.pdbx_rejects 
_reflns_shell.pdbx_ordinal 
_reflns_shell.pdbx_diffrn_id 
_reflns_shell.pdbx_CC_half 
_reflns_shell.pdbx_R_split 
1.000 1.030  ? 1.070  ? 529  141 ? 110 78.000 ? ? ? ? 0.993 ? ? ? ? ? ? ? ? 4.809  ? ? ? ? 1.085 ? ? 1  1 ?     ? 
1.030 1.060  ? 1.840  ? 876  146 ? 129 88.400 ? ? ? ? 0.797 ? ? ? ? ? ? ? ? 6.791  ? ? ? ? 0.852 ? ? 2  1 0.527 ? 
1.060 1.090  ? 2.220  ? 1071 156 ? 139 89.100 ? ? ? ? 0.706 ? ? ? ? ? ? ? ? 7.705  ? ? ? ? 0.750 ? ? 3  1 0.597 ? 
1.090 1.120  ? 2.140  ? 1169 150 ? 141 94.000 ? ? ? ? 0.779 ? ? ? ? ? ? ? ? 8.291  ? ? ? ? 0.824 ? ? 4  1 0.551 ? 
1.120 1.160  ? 2.650  ? 1200 150 ? 134 89.300 ? ? ? ? 0.686 ? ? ? ? ? ? ? ? 8.955  ? ? ? ? 0.725 ? ? 5  1 0.696 ? 
1.160 1.200  ? 2.680  ? 1370 151 ? 142 94.000 ? ? ? ? 0.728 ? ? ? ? ? ? ? ? 9.648  ? ? ? ? 0.766 ? ? 6  1 0.574 ? 
1.200 1.250  ? 3.330  ? 1313 142 ? 125 88.000 ? ? ? ? 0.655 ? ? ? ? ? ? ? ? 10.504 ? ? ? ? 0.685 ? ? 7  1 0.834 ? 
1.250 1.300  ? 3.070  ? 1024 119 ? 108 90.800 ? ? ? ? 0.663 ? ? ? ? ? ? ? ? 9.481  ? ? ? ? 0.699 ? ? 8  1 0.637 ? 
1.300 1.360  ? 4.070  ? 1083 120 ? 109 90.800 ? ? ? ? 0.471 ? ? ? ? ? ? ? ? 9.936  ? ? ? ? 0.496 ? ? 9  1 0.835 ? 
1.360 1.420  ? 3.920  ? 1153 118 ? 107 90.700 ? ? ? ? 0.539 ? ? ? ? ? ? ? ? 10.776 ? ? ? ? 0.567 ? ? 10 1 0.583 ? 
1.420 1.500  ? 4.460  ? 1167 118 ? 107 90.700 ? ? ? ? 0.474 ? ? ? ? ? ? ? ? 10.907 ? ? ? ? 0.496 ? ? 11 1 0.827 ? 
1.500 1.590  ? 5.730  ? 1322 126 ? 112 88.900 ? ? ? ? 0.369 ? ? ? ? ? ? ? ? 11.804 ? ? ? ? 0.387 ? ? 12 1 0.866 ? 
1.590 1.700  ? 6.420  ? 1061 102 ? 92  90.200 ? ? ? ? 0.342 ? ? ? ? ? ? ? ? 11.533 ? ? ? ? 0.358 ? ? 13 1 0.935 ? 
1.700 1.830  ? 6.340  ? 803  93  ? 80  86.000 ? ? ? ? 0.325 ? ? ? ? ? ? ? ? 10.038 ? ? ? ? 0.343 ? ? 14 1 0.941 ? 
1.830 2.010  ? 8.360  ? 905  95  ? 85  89.500 ? ? ? ? 0.242 ? ? ? ? ? ? ? ? 10.647 ? ? ? ? 0.254 ? ? 15 1 0.924 ? 
2.010 2.250  ? 9.890  ? 891  91  ? 81  89.000 ? ? ? ? 0.188 ? ? ? ? ? ? ? ? 11.000 ? ? ? ? 0.197 ? ? 16 1 0.976 ? 
2.250 2.590  ? 10.030 ? 819  83  ? 73  88.000 ? ? ? ? 0.209 ? ? ? ? ? ? ? ? 11.219 ? ? ? ? 0.220 ? ? 17 1 0.982 ? 
2.590 3.180  ? 10.230 ? 457  59  ? 51  86.400 ? ? ? ? 0.155 ? ? ? ? ? ? ? ? 8.961  ? ? ? ? 0.165 ? ? 18 1 0.985 ? 
3.180 4.490  ? 12.860 ? 509  64  ? 53  82.800 ? ? ? ? 0.151 ? ? ? ? ? ? ? ? 9.604  ? ? ? ? 0.160 ? ? 19 1 0.969 ? 
4.490 21.390 ? 12.270 ? 220  35  ? 26  74.300 ? ? ? ? 0.108 ? ? ? ? ? ? ? ? 8.462  ? ? ? ? 0.114 ? ? 20 1 0.998 ? 
# 
_refine.aniso_B[1][1]                            0.1800 
_refine.aniso_B[1][2]                            0.0000 
_refine.aniso_B[1][3]                            0.0000 
_refine.aniso_B[2][2]                            0.1600 
_refine.aniso_B[2][3]                            -0.0000 
_refine.aniso_B[3][3]                            -0.3400 
_refine.B_iso_max                                25.320 
_refine.B_iso_mean                               5.0610 
_refine.B_iso_min                                2.590 
_refine.correlation_coeff_Fo_to_Fc               0.9580 
_refine.correlation_coeff_Fo_to_Fc_free          0.9130 
_refine.details                                  'HYDROGENS HAVE BEEN ADDED IN THE RIDING POSITIONS' 
_refine.diff_density_max                         ? 
_refine.diff_density_max_esd                     ? 
_refine.diff_density_min                         ? 
_refine.diff_density_min_esd                     ? 
_refine.diff_density_rms                         ? 
_refine.diff_density_rms_esd                     ? 
_refine.entry_id                                 5WKB 
_refine.pdbx_refine_id                           'ELECTRON CRYSTALLOGRAPHY' 
_refine.ls_abs_structure_details                 ? 
_refine.ls_abs_structure_Flack                   ? 
_refine.ls_abs_structure_Flack_esd               ? 
_refine.ls_abs_structure_Rogers                  ? 
_refine.ls_abs_structure_Rogers_esd              ? 
_refine.ls_d_res_high                            1.0000 
_refine.ls_d_res_low                             21.3900 
_refine.ls_extinction_coef                       ? 
_refine.ls_extinction_coef_esd                   ? 
_refine.ls_extinction_expression                 ? 
_refine.ls_extinction_method                     ? 
_refine.ls_goodness_of_fit_all                   ? 
_refine.ls_goodness_of_fit_all_esd               ? 
_refine.ls_goodness_of_fit_obs                   ? 
_refine.ls_goodness_of_fit_obs_esd               ? 
_refine.ls_hydrogen_treatment                    ? 
_refine.ls_matrix_type                           ? 
_refine.ls_number_constraints                    ? 
_refine.ls_number_parameters                     ? 
_refine.ls_number_reflns_all                     ? 
_refine.ls_number_reflns_obs                     1801 
_refine.ls_number_reflns_R_free                  203 
_refine.ls_number_reflns_R_work                  ? 
_refine.ls_number_restraints                     ? 
_refine.ls_percent_reflns_obs                    88.7100 
_refine.ls_percent_reflns_R_free                 10.1000 
_refine.ls_R_factor_all                          ? 
_refine.ls_R_factor_obs                          0.2251 
_refine.ls_R_factor_R_free                       0.2697 
_refine.ls_R_factor_R_free_error                 ? 
_refine.ls_R_factor_R_free_error_details         ? 
_refine.ls_R_factor_R_work                       0.2201 
_refine.ls_R_Fsqd_factor_obs                     ? 
_refine.ls_R_I_factor_obs                        ? 
_refine.ls_redundancy_reflns_all                 ? 
_refine.ls_redundancy_reflns_obs                 ? 
_refine.ls_restrained_S_all                      ? 
_refine.ls_restrained_S_obs                      ? 
_refine.ls_shift_over_esd_max                    ? 
_refine.ls_shift_over_esd_mean                   ? 
_refine.ls_structure_factor_coef                 ? 
_refine.ls_weighting_details                     ? 
_refine.ls_weighting_scheme                      ? 
_refine.ls_wR_factor_all                         ? 
_refine.ls_wR_factor_obs                         ? 
_refine.ls_wR_factor_R_free                      ? 
_refine.ls_wR_factor_R_work                      ? 
_refine.occupancy_max                            ? 
_refine.occupancy_min                            ? 
_refine.solvent_model_details                    ? 
_refine.solvent_model_param_bsol                 ? 
_refine.solvent_model_param_ksol                 ? 
_refine.ls_R_factor_gt                           ? 
_refine.ls_goodness_of_fit_gt                    ? 
_refine.ls_goodness_of_fit_ref                   ? 
_refine.ls_shift_over_su_max                     ? 
_refine.ls_shift_over_su_max_lt                  ? 
_refine.ls_shift_over_su_mean                    ? 
_refine.ls_shift_over_su_mean_lt                 ? 
_refine.pdbx_ls_sigma_I                          ? 
_refine.pdbx_ls_sigma_F                          0.000 
_refine.pdbx_ls_sigma_Fsqd                       ? 
_refine.pdbx_data_cutoff_high_absF               ? 
_refine.pdbx_data_cutoff_high_rms_absF           ? 
_refine.pdbx_data_cutoff_low_absF                ? 
_refine.pdbx_isotropic_thermal_model             ? 
_refine.pdbx_ls_cross_valid_method               THROUGHOUT 
_refine.pdbx_method_to_determine_struct          'AB INITIO PHASING' 
_refine.pdbx_starting_model                      ? 
_refine.pdbx_stereochemistry_target_values       ? 
_refine.pdbx_R_Free_selection_details            RANDOM 
_refine.pdbx_stereochem_target_val_spec_case     ? 
_refine.pdbx_overall_ESU_R                       0.0470 
_refine.pdbx_overall_ESU_R_Free                  0.0500 
_refine.pdbx_solvent_vdw_probe_radii             1.2000 
_refine.pdbx_solvent_ion_probe_radii             0.8000 
_refine.pdbx_solvent_shrinkage_radii             0.8000 
_refine.pdbx_real_space_R                        ? 
_refine.pdbx_density_correlation                 ? 
_refine.pdbx_pd_number_of_powder_patterns        ? 
_refine.pdbx_pd_number_of_points                 ? 
_refine.pdbx_pd_meas_number_of_points            ? 
_refine.pdbx_pd_proc_ls_prof_R_factor            ? 
_refine.pdbx_pd_proc_ls_prof_wR_factor           ? 
_refine.pdbx_pd_Marquardt_correlation_coeff      ? 
_refine.pdbx_pd_Fsqrd_R_factor                   ? 
_refine.pdbx_pd_ls_matrix_band_width             ? 
_refine.pdbx_overall_phase_error                 ? 
_refine.pdbx_overall_SU_R_free_Cruickshank_DPI   ? 
_refine.pdbx_overall_SU_R_free_Blow_DPI          ? 
_refine.pdbx_overall_SU_R_Blow_DPI               ? 
_refine.pdbx_TLS_residual_ADP_flag               ? 
_refine.pdbx_diffrn_id                           1 
_refine.overall_SU_B                             2.3680 
_refine.overall_SU_ML                            0.0520 
_refine.overall_SU_R_Cruickshank_DPI             0.0471 
_refine.overall_SU_R_free                        ? 
_refine.overall_FOM_free_R_set                   ? 
_refine.overall_FOM_work_R_set                   ? 
_refine.pdbx_average_fsc_overall                 ? 
_refine.pdbx_average_fsc_work                    ? 
_refine.pdbx_average_fsc_free                    ? 
# 
_refine_hist.cycle_id                         final 
_refine_hist.pdbx_refine_id                   'X-RAY DIFFRACTION' 
_refine_hist.d_res_high                       1.0000 
_refine_hist.d_res_low                        21.3900 
_refine_hist.pdbx_number_atoms_ligand         0 
_refine_hist.number_atoms_solvent             2 
_refine_hist.number_atoms_total               52 
_refine_hist.pdbx_number_residues_total       6 
_refine_hist.pdbx_B_iso_mean_solvent          25.28 
_refine_hist.pdbx_number_atoms_protein        50 
_refine_hist.pdbx_number_atoms_nucleic_acid   0 
# 
loop_
_refine_ls_restr.pdbx_refine_id 
_refine_ls_restr.criterion 
_refine_ls_restr.dev_ideal 
_refine_ls_restr.dev_ideal_target 
_refine_ls_restr.number 
_refine_ls_restr.rejects 
_refine_ls_restr.type 
_refine_ls_restr.weight 
_refine_ls_restr.pdbx_restraint_function 
'ELECTRON CRYSTALLOGRAPHY' ? 0.016  0.020  51 ? r_bond_refined_d       ? ? 
'ELECTRON CRYSTALLOGRAPHY' ? 0.002  0.020  37 ? r_bond_other_d         ? ? 
'ELECTRON CRYSTALLOGRAPHY' ? 1.085  1.896  67 ? r_angle_refined_deg    ? ? 
'ELECTRON CRYSTALLOGRAPHY' ? 0.911  3.000  86 ? r_angle_other_deg      ? ? 
'ELECTRON CRYSTALLOGRAPHY' ? 7.068  5.000  5  ? r_dihedral_angle_1_deg ? ? 
'ELECTRON CRYSTALLOGRAPHY' ? 27.684 25.000 4  ? r_dihedral_angle_2_deg ? ? 
'ELECTRON CRYSTALLOGRAPHY' ? 7.324  15.000 6  ? r_dihedral_angle_3_deg ? ? 
'ELECTRON CRYSTALLOGRAPHY' ? 0.135  0.200  5  ? r_chiral_restr         ? ? 
'ELECTRON CRYSTALLOGRAPHY' ? 0.007  0.020  61 ? r_gen_planes_refined   ? ? 
'ELECTRON CRYSTALLOGRAPHY' ? 0.000  0.020  15 ? r_gen_planes_other     ? ? 
'ELECTRON CRYSTALLOGRAPHY' ? 1.516  3.000  87 ? r_rigid_bond_restr     ? ? 
'ELECTRON CRYSTALLOGRAPHY' ? 25.539 5.000  2  ? r_sphericity_free      ? ? 
'ELECTRON CRYSTALLOGRAPHY' ? 3.846  5.000  87 ? r_sphericity_bonded    ? ? 
# 
_refine_ls_shell.pdbx_refine_id                   'ELECTRON CRYSTALLOGRAPHY' 
_refine_ls_shell.d_res_high                       1.0050 
_refine_ls_shell.d_res_low                        1.0310 
_refine_ls_shell.number_reflns_all                110 
_refine_ls_shell.number_reflns_obs                ? 
_refine_ls_shell.number_reflns_R_free             11 
_refine_ls_shell.number_reflns_R_work             99 
_refine_ls_shell.percent_reflns_obs               78.0100 
_refine_ls_shell.percent_reflns_R_free            ? 
_refine_ls_shell.R_factor_all                     ? 
_refine_ls_shell.R_factor_obs                     ? 
_refine_ls_shell.R_factor_R_free                  0.3230 
_refine_ls_shell.R_factor_R_free_error            0.0000 
_refine_ls_shell.R_factor_R_work                  0.3500 
_refine_ls_shell.redundancy_reflns_all            ? 
_refine_ls_shell.redundancy_reflns_obs            ? 
_refine_ls_shell.wR_factor_all                    ? 
_refine_ls_shell.wR_factor_obs                    ? 
_refine_ls_shell.wR_factor_R_free                 ? 
_refine_ls_shell.wR_factor_R_work                 ? 
_refine_ls_shell.pdbx_total_number_of_bins_used   20 
_refine_ls_shell.pdbx_phase_error                 ? 
_refine_ls_shell.pdbx_fsc_work                    ? 
_refine_ls_shell.pdbx_fsc_free                    ? 
# 
_struct.entry_id                     5WKB 
_struct.title                        
'MicroED structure of the segment, NFGEFS, from the A315E familial variant of the low complexity domain of TDP-43, residues 312-317' 
_struct.pdbx_model_details           ? 
_struct.pdbx_formula_weight          ? 
_struct.pdbx_formula_weight_method   ? 
_struct.pdbx_model_type_details      ? 
_struct.pdbx_CASP_flag               N 
# 
_struct_keywords.entry_id        5WKB 
_struct_keywords.text            'Amyloid, LARKS, TDP-43, PROTEIN FIBRIL' 
_struct_keywords.pdbx_keywords   'PROTEIN FIBRIL' 
# 
loop_
_struct_asym.id 
_struct_asym.pdbx_blank_PDB_chainid_flag 
_struct_asym.pdbx_modified 
_struct_asym.entity_id 
_struct_asym.details 
A N N 1 ? 
B N N 2 ? 
# 
_struct_ref.id                         1 
_struct_ref.db_name                    UNP 
_struct_ref.db_code                    TADBP_HUMAN 
_struct_ref.pdbx_db_accession          Q13148 
_struct_ref.pdbx_db_isoform            ? 
_struct_ref.entity_id                  1 
_struct_ref.pdbx_seq_one_letter_code   NFGAFS 
_struct_ref.pdbx_align_begin           312 
# 
_struct_ref_seq.align_id                      1 
_struct_ref_seq.ref_id                        1 
_struct_ref_seq.pdbx_PDB_id_code              5WKB 
_struct_ref_seq.pdbx_strand_id                A 
_struct_ref_seq.seq_align_beg                 1 
_struct_ref_seq.pdbx_seq_align_beg_ins_code   ? 
_struct_ref_seq.seq_align_end                 6 
_struct_ref_seq.pdbx_seq_align_end_ins_code   ? 
_struct_ref_seq.pdbx_db_accession             Q13148 
_struct_ref_seq.db_align_beg                  312 
_struct_ref_seq.pdbx_db_align_beg_ins_code    ? 
_struct_ref_seq.db_align_end                  317 
_struct_ref_seq.pdbx_db_align_end_ins_code    ? 
_struct_ref_seq.pdbx_auth_seq_align_beg       312 
_struct_ref_seq.pdbx_auth_seq_align_end       317 
# 
_struct_ref_seq_dif.align_id                     1 
_struct_ref_seq_dif.pdbx_pdb_id_code             5WKB 
_struct_ref_seq_dif.mon_id                       GLU 
_struct_ref_seq_dif.pdbx_pdb_strand_id           A 
_struct_ref_seq_dif.seq_num                      4 
_struct_ref_seq_dif.pdbx_pdb_ins_code            ? 
_struct_ref_seq_dif.pdbx_seq_db_name             UNP 
_struct_ref_seq_dif.pdbx_seq_db_accession_code   Q13148 
_struct_ref_seq_dif.db_mon_id                    ALA 
_struct_ref_seq_dif.pdbx_seq_db_seq_num          315 
_struct_ref_seq_dif.details                      'engineered mutation' 
_struct_ref_seq_dif.pdbx_auth_seq_num            315 
_struct_ref_seq_dif.pdbx_ordinal                 1 
# 
_pdbx_struct_assembly.id                   1 
_pdbx_struct_assembly.details              author_defined_assembly 
_pdbx_struct_assembly.method_details       ? 
_pdbx_struct_assembly.oligomeric_details   decameric 
_pdbx_struct_assembly.oligomeric_count     10 
# 
loop_
_pdbx_struct_assembly_gen.assembly_id 
_pdbx_struct_assembly_gen.oper_expression 
_pdbx_struct_assembly_gen.asym_id_list 
1 1  A,B 
1 2  A,B 
1 3  A,B 
1 4  A,B 
1 5  A,B 
1 6  A,B 
1 7  A,B 
1 8  A,B 
1 9  A,B 
1 10 A,B 
# 
_pdbx_struct_assembly_auth_evidence.id                     1 
_pdbx_struct_assembly_auth_evidence.assembly_id            1 
_pdbx_struct_assembly_auth_evidence.experimental_support   none 
_pdbx_struct_assembly_auth_evidence.details                ? 
# 
loop_
_pdbx_struct_oper_list.id 
_pdbx_struct_oper_list.type 
_pdbx_struct_oper_list.name 
_pdbx_struct_oper_list.symmetry_operation 
_pdbx_struct_oper_list.matrix[1][1] 
_pdbx_struct_oper_list.matrix[1][2] 
_pdbx_struct_oper_list.matrix[1][3] 
_pdbx_struct_oper_list.vector[1] 
_pdbx_struct_oper_list.matrix[2][1] 
_pdbx_struct_oper_list.matrix[2][2] 
_pdbx_struct_oper_list.matrix[2][3] 
_pdbx_struct_oper_list.vector[2] 
_pdbx_struct_oper_list.matrix[3][1] 
_pdbx_struct_oper_list.matrix[3][2] 
_pdbx_struct_oper_list.matrix[3][3] 
_pdbx_struct_oper_list.vector[3] 
1  'identity operation'         1_555 x,y,z             1.0000000000  0.0000000000 0.0000000000  0.0000000000  0.0000000000 1.0000000000 0.0000000000  0.0000000000  0.0000000000  0.0000000000  1.0000000000  0.0000000000  
2  'crystal symmetry operation' 1_556 x,y,z+1           1.0000000000  0.0000000000 0.0000000000  4.5139848355  0.0000000000 1.0000000000 0.0000000000  -1.8108388064 0.0000000000  0.0000000000  1.0000000000  0.5956540289  
3  'crystal symmetry operation' 1_557 x,y,z+2           1.0000000000  0.0000000000 0.0000000000  9.0279696710  0.0000000000 1.0000000000 0.0000000000  -3.6216776128 0.0000000000  0.0000000000  1.0000000000  1.1913080577  
4  'crystal symmetry operation' 1_554 x,y,z-1           1.0000000000  0.0000000000 0.0000000000  -4.5139848355 0.0000000000 1.0000000000 0.0000000000  1.8108388064  0.0000000000  0.0000000000  1.0000000000  -0.5956540289 
5  'crystal symmetry operation' 1_553 x,y,z-2           1.0000000000  0.0000000000 0.0000000000  -9.0279696710 0.0000000000 1.0000000000 0.0000000000  3.6216776128  0.0000000000  0.0000000000  1.0000000000  -1.1913080577 
6  'crystal symmetry operation' 3_645 -x+3/2,y-1/2,-z   -0.7100858637 0.6032211340 -0.3631836032 3.3695721822  0.6032211340 0.2551155359 -0.7556721027 8.2660612795  -0.3631836032 -0.7556721027 -0.5450296722 -1.8426130023 
7  'crystal symmetry operation' 3_646 -x+3/2,y-1/2,-z+1 -0.7100858637 0.6032211340 -0.3631836032 7.8835570177  0.6032211340 0.2551155359 -0.7556721027 6.4552224731  -0.3631836032 -0.7556721027 -0.5450296722 -1.2469589735 
8  'crystal symmetry operation' 3_647 -x+3/2,y-1/2,-z+2 -0.7100858637 0.6032211340 -0.3631836032 12.3975418532 0.6032211340 0.2551155359 -0.7556721027 4.6443836667  -0.3631836032 -0.7556721027 -0.5450296722 -0.6513049446 
9  'crystal symmetry operation' 3_644 -x+3/2,y-1/2,-z-1 -0.7100858637 0.6032211340 -0.3631836032 -1.1444126533 0.6032211340 0.2551155359 -0.7556721027 10.0769000859 -0.3631836032 -0.7556721027 -0.5450296722 -2.4382670312 
10 'crystal symmetry operation' 3_643 -x+3/2,y-1/2,-z-2 -0.7100858637 0.6032211340 -0.3631836032 -5.6583974888 0.6032211340 0.2551155359 -0.7556721027 11.8877388923 -0.3631836032 -0.7556721027 -0.5450296722 -3.0339210601 
# 
_em_3d_fitting.id                1 
_em_3d_fitting.entry_id          5WKB 
_em_3d_fitting.ref_space         ? 
_em_3d_fitting.ref_protocol      ? 
_em_3d_fitting.target_criteria   ? 
_em_3d_fitting.overall_b_value   ? 
_em_3d_fitting.method            ? 
_em_3d_fitting.details           ? 
# 
_em_3d_reconstruction.entry_id                    5WKB 
_em_3d_reconstruction.id                          1 
_em_3d_reconstruction.algorithm                   ? 
_em_3d_reconstruction.details                     ? 
_em_3d_reconstruction.refinement_type             ? 
_em_3d_reconstruction.image_processing_id         1 
_em_3d_reconstruction.num_class_averages          ? 
_em_3d_reconstruction.num_particles               ? 
_em_3d_reconstruction.resolution                  1.00 
_em_3d_reconstruction.resolution_method           'DIFFRACTION PATTERN/LAYERLINES' 
_em_3d_reconstruction.symmetry_type               '3D CRYSTAL' 
_em_3d_reconstruction.method                      ? 
_em_3d_reconstruction.nominal_pixel_size          ? 
_em_3d_reconstruction.actual_pixel_size           ? 
_em_3d_reconstruction.magnification_calibration   ? 
_em_3d_reconstruction.citation_id                 ? 
_em_3d_reconstruction.euler_angles_details        ? 
# 
_em_buffer.id            1 
_em_buffer.details       '1x PBS, pH 7.5' 
_em_buffer.pH            7.5 
_em_buffer.specimen_id   1 
_em_buffer.name          ? 
# 
_em_entity_assembly.id                   1 
_em_entity_assembly.parent_id            0 
_em_entity_assembly.details              ? 
_em_entity_assembly.name                 'Segment from TDP-43' 
_em_entity_assembly.source               NATURAL 
_em_entity_assembly.type                 'ORGANELLE OR CELLULAR COMPONENT' 
_em_entity_assembly.entity_id_list       1 
_em_entity_assembly.synonym              ? 
_em_entity_assembly.oligomeric_details   ? 
# 
_em_image_scans.entry_id                5WKB 
_em_image_scans.id                      1 
_em_image_scans.dimension_height        2048 
_em_image_scans.dimension_width         2048 
_em_image_scans.frames_per_image        ? 
_em_image_scans.image_recording_id      1 
_em_image_scans.sampling_size           ? 
_em_image_scans.scanner_model           ? 
_em_image_scans.used_frames_per_image   ? 
_em_image_scans.citation_id             ? 
_em_image_scans.number_digital_images   ? 
_em_image_scans.od_range                ? 
_em_image_scans.quant_bit_size          ? 
_em_image_scans.details                 ? 
# 
_em_imaging.id                              1 
_em_imaging.entry_id                        5WKB 
_em_imaging.accelerating_voltage            200 
_em_imaging.alignment_procedure             ? 
_em_imaging.c2_aperture_diameter            ? 
_em_imaging.calibrated_defocus_max          ? 
_em_imaging.calibrated_defocus_min          ? 
_em_imaging.calibrated_magnification        ? 
_em_imaging.cryogen                         NITROGEN 
_em_imaging.details                         ? 
_em_imaging.electron_source                 'FIELD EMISSION GUN' 
_em_imaging.illumination_mode               'FLOOD BEAM' 
_em_imaging.microscope_model                'FEI TECNAI F20' 
_em_imaging.mode                            DIFFRACTION 
_em_imaging.nominal_cs                      ? 
_em_imaging.nominal_defocus_max             ? 
_em_imaging.nominal_defocus_min             ? 
_em_imaging.nominal_magnification           ? 
_em_imaging.recording_temperature_maximum   ? 
_em_imaging.recording_temperature_minimum   ? 
_em_imaging.residual_tilt                   ? 
_em_imaging.specimen_holder_model           'GATAN 626 SINGLE TILT LIQUID NITROGEN CRYO TRANSFER HOLDER' 
_em_imaging.specimen_id                     1 
_em_imaging.citation_id                     ? 
_em_imaging.date                            ? 
_em_imaging.temperature                     ? 
_em_imaging.tilt_angle_min                  ? 
_em_imaging.tilt_angle_max                  ? 
_em_imaging.astigmatism                     ? 
_em_imaging.detector_distance               ? 
_em_imaging.electron_beam_tilt_params       ? 
_em_imaging.specimen_holder_type            ? 
# 
_em_vitrification.id                    1 
_em_vitrification.specimen_id           1 
_em_vitrification.chamber_temperature   ? 
_em_vitrification.cryogen_name          ETHANE 
_em_vitrification.details               ? 
_em_vitrification.humidity              ? 
_em_vitrification.instrument            ? 
_em_vitrification.entry_id              5WKB 
_em_vitrification.citation_id           ? 
_em_vitrification.method                ? 
_em_vitrification.temp                  ? 
_em_vitrification.time_resolved_state   ? 
# 
_em_experiment.entry_id                5WKB 
_em_experiment.id                      1 
_em_experiment.aggregation_state       '3D ARRAY' 
_em_experiment.reconstruction_method   CRYSTALLOGRAPHY 
_em_experiment.entity_assembly_id      1 
# 
loop_
_chem_comp_atom.comp_id 
_chem_comp_atom.atom_id 
_chem_comp_atom.type_symbol 
_chem_comp_atom.pdbx_aromatic_flag 
_chem_comp_atom.pdbx_stereo_config 
_chem_comp_atom.pdbx_ordinal 
ALA N    N N N 1  
ALA CA   C N S 2  
ALA C    C N N 3  
ALA O    O N N 4  
ALA CB   C N N 5  
ALA OXT  O N N 6  
ALA H    H N N 7  
ALA H2   H N N 8  
ALA HA   H N N 9  
ALA HB1  H N N 10 
ALA HB2  H N N 11 
ALA HB3  H N N 12 
ALA HXT  H N N 13 
ASN N    N N N 14 
ASN CA   C N S 15 
ASN C    C N N 16 
ASN O    O N N 17 
ASN CB   C N N 18 
ASN CG   C N N 19 
ASN OD1  O N N 20 
ASN ND2  N N N 21 
ASN OXT  O N N 22 
ASN H    H N N 23 
ASN H2   H N N 24 
ASN HA   H N N 25 
ASN HB2  H N N 26 
ASN HB3  H N N 27 
ASN HD21 H N N 28 
ASN HD22 H N N 29 
ASN HXT  H N N 30 
GLU N    N N N 31 
GLU CA   C N S 32 
GLU C    C N N 33 
GLU O    O N N 34 
GLU CB   C N N 35 
GLU CG   C N N 36 
GLU CD   C N N 37 
GLU OE1  O N N 38 
GLU OE2  O N N 39 
GLU OXT  O N N 40 
GLU H    H N N 41 
GLU H2   H N N 42 
GLU HA   H N N 43 
GLU HB2  H N N 44 
GLU HB3  H N N 45 
GLU HG2  H N N 46 
GLU HG3  H N N 47 
GLU HE2  H N N 48 
GLU HXT  H N N 49 
GLY N    N N N 50 
GLY CA   C N N 51 
GLY C    C N N 52 
GLY O    O N N 53 
GLY OXT  O N N 54 
GLY H    H N N 55 
GLY H2   H N N 56 
GLY HA2  H N N 57 
GLY HA3  H N N 58 
GLY HXT  H N N 59 
HOH O    O N N 60 
HOH H1   H N N 61 
HOH H2   H N N 62 
PHE N    N N N 63 
PHE CA   C N S 64 
PHE C    C N N 65 
PHE O    O N N 66 
PHE CB   C N N 67 
PHE CG   C Y N 68 
PHE CD1  C Y N 69 
PHE CD2  C Y N 70 
PHE CE1  C Y N 71 
PHE CE2  C Y N 72 
PHE CZ   C Y N 73 
PHE OXT  O N N 74 
PHE H    H N N 75 
PHE H2   H N N 76 
PHE HA   H N N 77 
PHE HB2  H N N 78 
PHE HB3  H N N 79 
PHE HD1  H N N 80 
PHE HD2  H N N 81 
PHE HE1  H N N 82 
PHE HE2  H N N 83 
PHE HZ   H N N 84 
PHE HXT  H N N 85 
SER N    N N N 86 
SER CA   C N S 87 
SER C    C N N 88 
SER O    O N N 89 
SER CB   C N N 90 
SER OG   O N N 91 
SER OXT  O N N 92 
SER H    H N N 93 
SER H2   H N N 94 
SER HA   H N N 95 
SER HB2  H N N 96 
SER HB3  H N N 97 
SER HG   H N N 98 
SER HXT  H N N 99 
# 
loop_
_chem_comp_bond.comp_id 
_chem_comp_bond.atom_id_1 
_chem_comp_bond.atom_id_2 
_chem_comp_bond.value_order 
_chem_comp_bond.pdbx_aromatic_flag 
_chem_comp_bond.pdbx_stereo_config 
_chem_comp_bond.pdbx_ordinal 
ALA N   CA   sing N N 1  
ALA N   H    sing N N 2  
ALA N   H2   sing N N 3  
ALA CA  C    sing N N 4  
ALA CA  CB   sing N N 5  
ALA CA  HA   sing N N 6  
ALA C   O    doub N N 7  
ALA C   OXT  sing N N 8  
ALA CB  HB1  sing N N 9  
ALA CB  HB2  sing N N 10 
ALA CB  HB3  sing N N 11 
ALA OXT HXT  sing N N 12 
ASN N   CA   sing N N 13 
ASN N   H    sing N N 14 
ASN N   H2   sing N N 15 
ASN CA  C    sing N N 16 
ASN CA  CB   sing N N 17 
ASN CA  HA   sing N N 18 
ASN C   O    doub N N 19 
ASN C   OXT  sing N N 20 
ASN CB  CG   sing N N 21 
ASN CB  HB2  sing N N 22 
ASN CB  HB3  sing N N 23 
ASN CG  OD1  doub N N 24 
ASN CG  ND2  sing N N 25 
ASN ND2 HD21 sing N N 26 
ASN ND2 HD22 sing N N 27 
ASN OXT HXT  sing N N 28 
GLU N   CA   sing N N 29 
GLU N   H    sing N N 30 
GLU N   H2   sing N N 31 
GLU CA  C    sing N N 32 
GLU CA  CB   sing N N 33 
GLU CA  HA   sing N N 34 
GLU C   O    doub N N 35 
GLU C   OXT  sing N N 36 
GLU CB  CG   sing N N 37 
GLU CB  HB2  sing N N 38 
GLU CB  HB3  sing N N 39 
GLU CG  CD   sing N N 40 
GLU CG  HG2  sing N N 41 
GLU CG  HG3  sing N N 42 
GLU CD  OE1  doub N N 43 
GLU CD  OE2  sing N N 44 
GLU OE2 HE2  sing N N 45 
GLU OXT HXT  sing N N 46 
GLY N   CA   sing N N 47 
GLY N   H    sing N N 48 
GLY N   H2   sing N N 49 
GLY CA  C    sing N N 50 
GLY CA  HA2  sing N N 51 
GLY CA  HA3  sing N N 52 
GLY C   O    doub N N 53 
GLY C   OXT  sing N N 54 
GLY OXT HXT  sing N N 55 
HOH O   H1   sing N N 56 
HOH O   H2   sing N N 57 
PHE N   CA   sing N N 58 
PHE N   H    sing N N 59 
PHE N   H2   sing N N 60 
PHE CA  C    sing N N 61 
PHE CA  CB   sing N N 62 
PHE CA  HA   sing N N 63 
PHE C   O    doub N N 64 
PHE C   OXT  sing N N 65 
PHE CB  CG   sing N N 66 
PHE CB  HB2  sing N N 67 
PHE CB  HB3  sing N N 68 
PHE CG  CD1  doub Y N 69 
PHE CG  CD2  sing Y N 70 
PHE CD1 CE1  sing Y N 71 
PHE CD1 HD1  sing N N 72 
PHE CD2 CE2  doub Y N 73 
PHE CD2 HD2  sing N N 74 
PHE CE1 CZ   doub Y N 75 
PHE CE1 HE1  sing N N 76 
PHE CE2 CZ   sing Y N 77 
PHE CE2 HE2  sing N N 78 
PHE CZ  HZ   sing N N 79 
PHE OXT HXT  sing N N 80 
SER N   CA   sing N N 81 
SER N   H    sing N N 82 
SER N   H2   sing N N 83 
SER CA  C    sing N N 84 
SER CA  CB   sing N N 85 
SER CA  HA   sing N N 86 
SER C   O    doub N N 87 
SER C   OXT  sing N N 88 
SER CB  OG   sing N N 89 
SER CB  HB2  sing N N 90 
SER CB  HB3  sing N N 91 
SER OG  HG   sing N N 92 
SER OXT HXT  sing N N 93 
# 
_em_3d_crystal_entity.id                    1 
_em_3d_crystal_entity.image_processing_id   1 
_em_3d_crystal_entity.angle_alpha           90 
_em_3d_crystal_entity.angle_beta            90 
_em_3d_crystal_entity.angle_gamma           90 
_em_3d_crystal_entity.length_a              42.77 
_em_3d_crystal_entity.length_b              17.42 
_em_3d_crystal_entity.length_c              4.90 
_em_3d_crystal_entity.space_group_name      'P 21212' 
_em_3d_crystal_entity.space_group_num       18 
# 
_em_buffer_component.buffer_id             1 
_em_buffer_component.id                    1 
_em_buffer_component.concentration         ? 
_em_buffer_component.concentration_units   ? 
_em_buffer_component.formula               ? 
_em_buffer_component.name                  '1x PBS' 
# 
_em_ctf_correction.id                       1 
_em_ctf_correction.em_image_processing_id   1 
_em_ctf_correction.type                     NONE 
_em_ctf_correction.details                  ? 
# 
_em_diffraction.id                1 
_em_diffraction.camera_length     1840 
_em_diffraction.imaging_id        1 
_em_diffraction.tilt_angle_list   ? 
# 
_em_diffraction_shell.id                        1 
_em_diffraction_shell.em_diffraction_stats_id   1 
_em_diffraction_shell.fourier_space_coverage    78 
_em_diffraction_shell.high_resolution           1.00 
_em_diffraction_shell.low_resolution            1.03 
_em_diffraction_shell.multiplicity              4.8 
_em_diffraction_shell.num_structure_factors     110 
_em_diffraction_shell.phase_residual            0.001 
# 
_em_diffraction_stats.id                               1 
_em_diffraction_stats.details                          ? 
_em_diffraction_stats.image_processing_id              1 
_em_diffraction_stats.fourier_space_coverage           88.7 
_em_diffraction_stats.high_resolution                  1.00 
_em_diffraction_stats.num_intensities_measured         18942 
_em_diffraction_stats.num_structure_factors            2032 
_em_diffraction_stats.overall_phase_error              0.001 
_em_diffraction_stats.overall_phase_residual           0.001 
_em_diffraction_stats.phase_error_rejection_criteria   1 
_em_diffraction_stats.r_merge                          28.3 
_em_diffraction_stats.r_sym                            28.3 
# 
_em_entity_assembly_molwt.entity_assembly_id   1 
_em_entity_assembly_molwt.id                   1 
_em_entity_assembly_molwt.experimental_flag    NO 
_em_entity_assembly_molwt.units                ? 
_em_entity_assembly_molwt.value                ? 
# 
_em_entity_assembly_naturalsource.cellular_location    ? 
_em_entity_assembly_naturalsource.entity_assembly_id   1 
_em_entity_assembly_naturalsource.id                   1 
_em_entity_assembly_naturalsource.ncbi_tax_id          9606 
_em_entity_assembly_naturalsource.organ                ? 
_em_entity_assembly_naturalsource.organelle            ? 
_em_entity_assembly_naturalsource.organism             'Homo sapiens' 
_em_entity_assembly_naturalsource.strain               ? 
_em_entity_assembly_naturalsource.tissue               ? 
_em_entity_assembly_naturalsource.cell                 ? 
# 
_em_image_processing.id                   1 
_em_image_processing.image_recording_id   1 
_em_image_processing.details              ? 
# 
_em_image_recording.id                            1 
_em_image_recording.imaging_id                    1 
_em_image_recording.avg_electron_dose_per_image   3.4 
_em_image_recording.average_exposure_time         ? 
_em_image_recording.details                       ? 
_em_image_recording.detector_mode                 ? 
_em_image_recording.film_or_detector_model        'TVIPS TEMCAM-F416 (4k x 4k)' 
_em_image_recording.num_diffraction_images        ? 
_em_image_recording.num_grids_imaged              ? 
_em_image_recording.num_real_images               ? 
# 
loop_
_em_software.id 
_em_software.category 
_em_software.details 
_em_software.name 
_em_software.version 
_em_software.image_processing_id 
_em_software.fitting_id 
_em_software.imaging_id 
1  'IMAGE ACQUISITION'             ? 'TVIPS F416 CMOS CAMERA' ? ? ? 1 
2  MASKING                         ? ?                        ? ? ? ? 
3  'CTF CORRECTION'                ? ?                        ? 1 ? ? 
4  'LAYERLINE INDEXING'            ? ?                        ? ? ? ? 
5  'DIFFRACTION INDEXING'          ? ?                        ? ? ? ? 
6  'MODEL FITTING'                 ? Coot                     ? ? 1 ? 
7  OTHER                           ? ?                        ? ? ? ? 
8  'MODEL REFINEMENT'              ? REFMAC                   ? ? 1 ? 
9  'MOLECULAR REPLACEMENT'         ? SHELXD                   ? 1 ? ? 
10 'LATTICE DISTORTION CORRECTION' ? ?                        ? 1 ? ? 
11 'SYMMETRY DETERMINATION'        ? ?                        ? 1 ? ? 
12 'CRYSTALLOGRAPHY MERGING'       ? XSCALE                   ? 1 ? ? 
13 RECONSTRUCTION                  ? ?                        ? 1 ? ? 
# 
_em_specimen.id                      1 
_em_specimen.experiment_id           1 
_em_specimen.concentration           ? 
_em_specimen.details                 ? 
_em_specimen.embedding_applied       NO 
_em_specimen.shadowing_applied       NO 
_em_specimen.staining_applied        NO 
_em_specimen.vitrification_applied   YES 
# 
_pdbx_audit_support.funding_organization   'National Institutes of Health/National Institute on Aging (NIH/NIA)' 
_pdbx_audit_support.country                'United States' 
_pdbx_audit_support.grant_number           'NIH NIA AG029430' 
_pdbx_audit_support.ordinal                1 
# 
_atom_sites.entry_id                    5WKB 
_atom_sites.fract_transf_matrix[1][1]   0.00186961 
_atom_sites.fract_transf_matrix[1][2]   0.01135528 
_atom_sites.fract_transf_matrix[1][3]   0.02035272 
_atom_sites.fract_transf_matrix[2][1]   -0.02185594 
_atom_sites.fract_transf_matrix[2][2]   -0.04547541 
_atom_sites.fract_transf_matrix[2][3]   0.02737955 
_atom_sites.fract_transf_matrix[3][1]   0.18800470 
_atom_sites.fract_transf_matrix[3][2]   -0.07542033 
_atom_sites.fract_transf_matrix[3][3]   0.02480863 
_atom_sites.fract_transf_vector[1]      0.718673 
_atom_sites.fract_transf_vector[2]      0.320119 
_atom_sites.fract_transf_vector[3]      0.017823 
# 
loop_
_atom_type.symbol 
C 
H 
N 
O 
# 
loop_
_atom_site.group_PDB 
_atom_site.id 
_atom_site.type_symbol 
_atom_site.label_atom_id 
_atom_site.label_alt_id 
_atom_site.label_comp_id 
_atom_site.label_asym_id 
_atom_site.label_entity_id 
_atom_site.label_seq_id 
_atom_site.pdbx_PDB_ins_code 
_atom_site.Cartn_x 
_atom_site.Cartn_y 
_atom_site.Cartn_z 
_atom_site.occupancy 
_atom_site.B_iso_or_equiv 
_atom_site.pdbx_formal_charge 
_atom_site.auth_seq_id 
_atom_site.auth_comp_id 
_atom_site.auth_asym_id 
_atom_site.auth_atom_id 
_atom_site.pdbx_PDB_model_num 
ATOM   1  N N   . ASN A 1 1 ? 0.970  5.573  6.755  1.00 4.14  ? 312 ASN A N   1 
ATOM   2  C CA  . ASN A 1 1 ? 1.123  4.123  6.562  1.00 4.36  ? 312 ASN A CA  1 
ATOM   3  C C   . ASN A 1 1 ? 0.082  3.606  5.536  1.00 4.64  ? 312 ASN A C   1 
ATOM   4  O O   . ASN A 1 1 ? -1.047 4.107  5.487  1.00 5.03  ? 312 ASN A O   1 
ATOM   5  C CB  . ASN A 1 1 ? 0.934  3.418  7.878  1.00 4.83  ? 312 ASN A CB  1 
ATOM   6  C CG  . ASN A 1 1 ? 2.083  3.631  8.841  1.00 4.39  ? 312 ASN A CG  1 
ATOM   7  O OD1 . ASN A 1 1 ? 3.024  4.371  8.580  1.00 5.18  ? 312 ASN A OD1 1 
ATOM   8  N ND2 . ASN A 1 1 ? 2.005  2.920  9.972  1.00 6.91  ? 312 ASN A ND2 1 
ATOM   9  H H1  . ASN A 1 1 ? 0.244  5.775  7.429  1.00 4.55  ? 312 ASN A H1  1 
ATOM   10 H H2  . ASN A 1 1 ? 0.741  5.989  5.921  1.00 4.96  ? 312 ASN A H2  1 
ATOM   11 H H3  . ASN A 1 1 ? 1.800  5.939  7.070  1.00 3.63  ? 312 ASN A H3  1 
ATOM   12 H HA  . ASN A 1 1 ? 2.017  3.943  6.215  1.00 4.44  ? 312 ASN A HA  1 
ATOM   13 H HB2 . ASN A 1 1 ? 0.120  3.726  8.305  1.00 4.72  ? 312 ASN A HB2 1 
ATOM   14 H HB3 . ASN A 1 1 ? 0.871  2.464  7.714  1.00 4.41  ? 312 ASN A HB3 1 
ATOM   15 N N   . PHE A 1 2 ? 0.479  2.652  4.699  1.00 4.96  ? 313 PHE A N   1 
ATOM   16 C CA  . PHE A 1 2 ? -0.451 2.067  3.751  1.00 3.57  ? 313 PHE A CA  1 
ATOM   17 C C   . PHE A 1 2 ? -0.126 0.615  3.521  1.00 2.65  ? 313 PHE A C   1 
ATOM   18 O O   . PHE A 1 2 ? 0.979  0.179  3.826  1.00 2.91  ? 313 PHE A O   1 
ATOM   19 C CB  . PHE A 1 2 ? -0.469 2.813  2.447  1.00 4.06  ? 313 PHE A CB  1 
ATOM   20 C CG  . PHE A 1 2 ? 0.804  2.691  1.682  1.00 3.45  ? 313 PHE A CG  1 
ATOM   21 C CD1 . PHE A 1 2 ? 1.828  3.608  1.801  1.00 3.69  ? 313 PHE A CD1 1 
ATOM   22 C CD2 . PHE A 1 2 ? 0.931  1.673  0.764  1.00 3.25  ? 313 PHE A CD2 1 
ATOM   23 C CE1 . PHE A 1 2 ? 2.998  3.455  1.088  1.00 4.32  ? 313 PHE A CE1 1 
ATOM   24 C CE2 . PHE A 1 2 ? 2.111  1.503  0.066  1.00 3.79  ? 313 PHE A CE2 1 
ATOM   25 C CZ  . PHE A 1 2 ? 3.127  2.412  0.199  1.00 4.02  ? 313 PHE A CZ  1 
ATOM   26 H H   . PHE A 1 2 ? 1.418  2.280  4.656  1.00 4.58  ? 313 PHE A H   1 
ATOM   27 H HA  . PHE A 1 2 ? -1.356 2.091  4.117  1.00 3.41  ? 313 PHE A HA  1 
ATOM   28 H HB2 . PHE A 1 2 ? -1.193 2.472  1.899  1.00 4.10  ? 313 PHE A HB2 1 
ATOM   29 H HB3 . PHE A 1 2 ? -0.613 3.754  2.635  1.00 3.97  ? 313 PHE A HB3 1 
ATOM   30 H HD1 . PHE A 1 2 ? 1.748  4.307  2.409  1.00 3.63  ? 313 PHE A HD1 1 
ATOM   31 H HD2 . PHE A 1 2 ? 0.254  1.043  0.675  1.00 2.59  ? 313 PHE A HD2 1 
ATOM   32 H HE1 . PHE A 1 2 ? 3.688  4.069  1.189  1.00 3.78  ? 313 PHE A HE1 1 
ATOM   33 H HE2 . PHE A 1 2 ? 2.192  0.804  -0.543 1.00 3.76  ? 313 PHE A HE2 1 
ATOM   34 H HZ  . PHE A 1 2 ? 3.910  2.311  -0.294 1.00 3.70  ? 313 PHE A HZ  1 
ATOM   35 N N   . GLY A 1 3 ? -1.116 -0.105 2.974  1.00 3.07  ? 314 GLY A N   1 
ATOM   36 C CA  . GLY A 1 3 ? -0.971 -1.537 2.785  1.00 3.09  ? 314 GLY A CA  1 
ATOM   37 C C   . GLY A 1 3 ? -0.138 -1.893 1.552  1.00 3.24  ? 314 GLY A C   1 
ATOM   38 O O   . GLY A 1 3 ? 1.001  -2.396 1.670  1.00 3.88  ? 314 GLY A O   1 
ATOM   39 H H   . GLY A 1 3 ? -1.999 0.272  2.663  1.00 3.07  ? 314 GLY A H   1 
ATOM   40 H HA2 . GLY A 1 3 ? -0.561 -1.939 3.567  1.00 3.39  ? 314 GLY A HA2 1 
ATOM   41 H HA3 . GLY A 1 3 ? -1.848 -1.924 2.674  1.00 2.69  ? 314 GLY A HA3 1 
ATOM   42 N N   . GLU A 1 4 ? -0.713 -1.652 0.387  1.00 4.06  ? 315 GLU A N   1 
ATOM   43 C CA  . GLU A 1 4 ? -0.017 -1.974 -0.842 1.00 4.10  ? 315 GLU A CA  1 
ATOM   44 C C   . GLU A 1 4 ? -0.528 -1.229 -2.029 1.00 3.34  ? 315 GLU A C   1 
ATOM   45 O O   . GLU A 1 4 ? -1.624 -0.708 -2.021 1.00 4.30  ? 315 GLU A O   1 
ATOM   46 C CB  . GLU A 1 4 ? -0.088 -3.473 -1.130 1.00 5.19  ? 315 GLU A CB  1 
ATOM   47 C CG  . GLU A 1 4 ? -1.451 -4.028 -1.369 1.00 7.66  ? 315 GLU A CG  1 
ATOM   48 C CD  . GLU A 1 4 ? -1.388 -5.502 -1.728 1.00 10.55 ? 315 GLU A CD  1 
ATOM   49 O OE1 . GLU A 1 4 ? -0.649 -5.847 -2.684 1.00 14.55 ? 315 GLU A OE1 1 
ATOM   50 O OE2 . GLU A 1 4 ? -2.036 -6.325 -1.076 1.00 13.65 ? 315 GLU A OE2 1 
ATOM   51 H H   . GLU A 1 4 ? -1.632 -1.249 0.270  1.00 3.90  ? 315 GLU A H   1 
ATOM   52 H HA  . GLU A 1 4 ? 0.922  -1.724 -0.747 1.00 3.94  ? 315 GLU A HA  1 
ATOM   53 H HB2 . GLU A 1 4 ? 0.446  -3.647 -1.920 1.00 5.08  ? 315 GLU A HB2 1 
ATOM   54 H HB3 . GLU A 1 4 ? 0.291  -3.956 -0.380 1.00 5.06  ? 315 GLU A HB3 1 
ATOM   55 H HG2 . GLU A 1 4 ? -1.981 -3.932 -0.563 1.00 7.27  ? 315 GLU A HG2 1 
ATOM   56 H HG3 . GLU A 1 4 ? -1.878 -3.569 -2.108 1.00 7.41  ? 315 GLU A HG3 1 
ATOM   57 N N   . PHE A 1 5 ? 0.264  -1.207 -3.079 1.00 2.92  ? 316 PHE A N   1 
ATOM   58 C CA  . PHE A 1 5 ? -0.233 -0.803 -4.345 1.00 2.96  ? 316 PHE A CA  1 
ATOM   59 C C   . PHE A 1 5 ? 0.478  -1.496 -5.489 1.00 4.47  ? 316 PHE A C   1 
ATOM   60 O O   . PHE A 1 5 ? 1.506  -2.123 -5.279 1.00 3.87  ? 316 PHE A O   1 
ATOM   61 C CB  . PHE A 1 5 ? -0.178 0.681  -4.537 1.00 4.03  ? 316 PHE A CB  1 
ATOM   62 C CG  . PHE A 1 5 ? 1.213  1.212  -4.691 1.00 3.38  ? 316 PHE A CG  1 
ATOM   63 C CD1 . PHE A 1 5 ? 1.811  1.313  -5.953 1.00 3.81  ? 316 PHE A CD1 1 
ATOM   64 C CD2 . PHE A 1 5 ? 1.937  1.616  -3.573 1.00 3.94  ? 316 PHE A CD2 1 
ATOM   65 C CE1 . PHE A 1 5 ? 3.092  1.760  -6.094 1.00 4.25  ? 316 PHE A CE1 1 
ATOM   66 C CE2 . PHE A 1 5 ? 3.201  2.089  -3.737 1.00 4.76  ? 316 PHE A CE2 1 
ATOM   67 C CZ  . PHE A 1 5 ? 3.787  2.184  -4.987 1.00 4.63  ? 316 PHE A CZ  1 
ATOM   68 H H   . PHE A 1 5 ? 1.242  -1.461 -3.067 1.00 2.98  ? 316 PHE A H   1 
ATOM   69 H HA  . PHE A 1 5 ? -1.172 -1.070 -4.423 1.00 2.75  ? 316 PHE A HA  1 
ATOM   70 H HB2 . PHE A 1 5 ? -0.677 0.919  -5.335 1.00 4.12  ? 316 PHE A HB2 1 
ATOM   71 H HB3 . PHE A 1 5 ? -0.577 1.112  -3.765 1.00 3.92  ? 316 PHE A HB3 1 
ATOM   72 H HD1 . PHE A 1 5 ? 1.344  1.030  -6.701 1.00 3.58  ? 316 PHE A HD1 1 
ATOM   73 H HD2 . PHE A 1 5 ? 1.557  1.568  -2.725 1.00 3.66  ? 316 PHE A HD2 1 
ATOM   74 H HE1 . PHE A 1 5 ? 3.474  1.828  -6.939 1.00 4.02  ? 316 PHE A HE1 1 
ATOM   75 H HE2 . PHE A 1 5 ? 3.683  2.362  -2.990 1.00 4.48  ? 316 PHE A HE2 1 
ATOM   76 H HZ  . PHE A 1 5 ? 4.655  2.499  -5.078 1.00 4.08  ? 316 PHE A HZ  1 
ATOM   77 N N   . SER A 1 6 ? -0.053 -1.338 -6.708 1.00 5.67  ? 317 SER A N   1 
ATOM   78 C CA  . SER A 1 6 ? 0.549  -1.877 -7.911 1.00 5.56  ? 317 SER A CA  1 
ATOM   79 C C   . SER A 1 6 ? 0.699  -0.789 -8.975 1.00 5.84  ? 317 SER A C   1 
ATOM   80 O O   . SER A 1 6 ? 0.147  0.318  -8.832 1.00 6.55  ? 317 SER A O   1 
ATOM   81 C CB  . SER A 1 6 ? -0.299 -3.063 -8.416 1.00 7.70  ? 317 SER A CB  1 
ATOM   82 O OG  . SER A 1 6 ? -1.613 -2.645 -8.753 1.00 11.50 ? 317 SER A OG  1 
ATOM   83 O OXT . SER A 1 6 ? 1.430  -1.009 -9.979 1.00 6.75  ? 317 SER A OXT 1 
ATOM   84 H H   . SER A 1 6 ? -0.913 -0.838 -6.884 1.00 5.40  ? 317 SER A H   1 
ATOM   85 H HA  . SER A 1 6 ? 1.448  -2.218 -7.726 1.00 5.56  ? 317 SER A HA  1 
ATOM   86 H HB2 . SER A 1 6 ? 0.124  -3.440 -9.204 1.00 7.15  ? 317 SER A HB2 1 
ATOM   87 H HB3 . SER A 1 6 ? -0.351 -3.735 -7.717 1.00 7.83  ? 317 SER A HB3 1 
HETATM 88 O O   . HOH B 2 . ? -0.075 -7.904 -4.788 1.00 25.24 ? 101 HOH A O   1 
HETATM 89 O O   . HOH B 2 . ? -3.249 -3.031 -5.430 1.00 25.32 ? 102 HOH A O   1 
# 
loop_
_atom_site_anisotrop.id 
_atom_site_anisotrop.type_symbol 
_atom_site_anisotrop.pdbx_label_atom_id 
_atom_site_anisotrop.pdbx_label_alt_id 
_atom_site_anisotrop.pdbx_label_comp_id 
_atom_site_anisotrop.pdbx_label_asym_id 
_atom_site_anisotrop.pdbx_label_seq_id 
_atom_site_anisotrop.pdbx_PDB_ins_code 
_atom_site_anisotrop.U[1][1] 
_atom_site_anisotrop.U[2][2] 
_atom_site_anisotrop.U[3][3] 
_atom_site_anisotrop.U[1][2] 
_atom_site_anisotrop.U[1][3] 
_atom_site_anisotrop.U[2][3] 
_atom_site_anisotrop.pdbx_auth_seq_id 
_atom_site_anisotrop.pdbx_auth_comp_id 
_atom_site_anisotrop.pdbx_auth_asym_id 
_atom_site_anisotrop.pdbx_auth_atom_id 
1  N N   . ASN A 1 ? 0.0273 0.0648 0.0649 0.0194  -0.0226 -0.0368 312 ASN A N   
2  C CA  . ASN A 1 ? 0.0402 0.0647 0.0605 0.0133  -0.0159 -0.0361 312 ASN A CA  
3  C C   . ASN A 1 ? 0.0367 0.0591 0.0804 0.0100  -0.0217 -0.0361 312 ASN A C   
4  O O   . ASN A 1 ? 0.0473 0.0672 0.0763 0.0241  -0.0221 -0.0433 312 ASN A O   
5  C CB  . ASN A 1 ? 0.0472 0.0748 0.0615 0.0113  -0.0065 -0.0353 312 ASN A CB  
6  C CG  . ASN A 1 ? 0.0397 0.0856 0.0414 0.0249  0.0024  -0.0356 312 ASN A CG  
7  O OD1 . ASN A 1 ? 0.0464 0.0895 0.0607 0.0067  -0.0147 -0.0576 312 ASN A OD1 
8  N ND2 . ASN A 1 ? 0.1106 0.1074 0.0444 0.0285  0.0035  -0.0267 312 ASN A ND2 
9  H H1  . ASN A 1 ? 0.0409 0.0700 0.0617 0.0119  -0.0104 -0.0165 312 ASN A H1  
10 H H2  . ASN A 1 ? 0.0506 0.0704 0.0672 0.0078  -0.0109 -0.0217 312 ASN A H2  
11 H H3  . ASN A 1 ? 0.0434 0.0437 0.0507 -0.0023 -0.0101 -0.0208 312 ASN A H3  
12 H HA  . ASN A 1 ? 0.0459 0.0688 0.0536 0.0084  -0.0074 -0.0324 312 ASN A HA  
13 H HB2 . ASN A 1 ? 0.0520 0.0786 0.0487 0.0111  -0.0015 -0.0258 312 ASN A HB2 
14 H HB3 . ASN A 1 ? 0.0419 0.0681 0.0573 0.0091  0.0010  -0.0147 312 ASN A HB3 
15 N N   . PHE A 2 ? 0.0416 0.0812 0.0654 0.0158  -0.0190 -0.0389 313 PHE A N   
16 C CA  . PHE A 2 ? 0.0270 0.0608 0.0477 0.0177  -0.0127 -0.0181 313 PHE A CA  
17 C C   . PHE A 2 ? 0.0240 0.0526 0.0238 0.0071  -0.0089 -0.0050 313 PHE A C   
18 O O   . PHE A 2 ? 0.0189 0.0592 0.0324 0.0063  -0.0070 -0.0127 313 PHE A O   
19 C CB  . PHE A 2 ? 0.0356 0.0631 0.0556 0.0086  -0.0053 -0.0115 313 PHE A CB  
20 C CG  . PHE A 2 ? 0.0221 0.0585 0.0503 0.0114  -0.0169 -0.0054 313 PHE A CG  
21 C CD1 . PHE A 2 ? 0.0403 0.0442 0.0556 0.0081  -0.0170 -0.0045 313 PHE A CD1 
22 C CD2 . PHE A 2 ? 0.0203 0.0536 0.0494 -0.0098 -0.0087 -0.0043 313 PHE A CD2 
23 C CE1 . PHE A 2 ? 0.0372 0.0637 0.0630 -0.0016 -0.0158 -0.0050 313 PHE A CE1 
24 C CE2 . PHE A 2 ? 0.0403 0.0709 0.0328 -0.0013 0.0017  -0.0020 313 PHE A CE2 
25 C CZ  . PHE A 2 ? 0.0355 0.0677 0.0495 0.0033  -0.0006 0.0013  313 PHE A CZ  
26 H H   . PHE A 2 ? 0.0419 0.0688 0.0630 0.0107  0.0000  -0.0363 313 PHE A H   
27 H HA  . PHE A 2 ? 0.0356 0.0542 0.0396 0.0022  -0.0028 -0.0092 313 PHE A HA  
28 H HB2 . PHE A 2 ? 0.0412 0.0593 0.0553 0.0057  -0.0070 -0.0102 313 PHE A HB2 
29 H HB3 . PHE A 2 ? 0.0373 0.0600 0.0535 0.0080  -0.0055 -0.0043 313 PHE A HB3 
30 H HD1 . PHE A 2 ? 0.0360 0.0505 0.0514 0.0092  -0.0113 -0.0054 313 PHE A HD1 
31 H HD2 . PHE A 2 ? 0.0262 0.0336 0.0383 -0.0045 -0.0057 -0.0015 313 PHE A HD2 
32 H HE1 . PHE A 2 ? 0.0409 0.0501 0.0526 0.0001  -0.0084 0.0015  313 PHE A HE1 
33 H HE2 . PHE A 2 ? 0.0346 0.0599 0.0485 -0.0006 0.0003  -0.0022 313 PHE A HE2 
34 H HZ  . PHE A 2 ? 0.0377 0.0601 0.0426 -0.0034 0.0000  0.0001  313 PHE A HZ  
35 N N   . GLY A 3 ? 0.0314 0.0592 0.0260 0.0017  -0.0060 -0.0133 314 GLY A N   
36 C CA  . GLY A 3 ? 0.0255 0.0598 0.0322 -0.0015 0.0046  -0.0135 314 GLY A CA  
37 C C   . GLY A 3 ? 0.0294 0.0625 0.0311 0.0069  0.0019  -0.0159 314 GLY A C   
38 O O   . GLY A 3 ? 0.0469 0.0587 0.0417 0.0209  -0.0149 0.0007  314 GLY A O   
39 H H   . GLY A 3 ? 0.0335 0.0578 0.0252 0.0002  -0.0079 -0.0088 314 GLY A H   
40 H HA2 . GLY A 3 ? 0.0356 0.0532 0.0397 -0.0028 -0.0012 -0.0100 314 GLY A HA2 
41 H HA3 . GLY A 3 ? 0.0299 0.0385 0.0337 -0.0016 0.0027  -0.0087 314 GLY A HA3 
42 N N   . GLU A 4 ? 0.0346 0.0850 0.0345 -0.0008 -0.0070 -0.0207 315 GLU A N   
43 C CA  . GLU A 4 ? 0.0435 0.0745 0.0376 0.0046  0.0066  0.0023  315 GLU A CA  
44 C C   . GLU A 4 ? 0.0323 0.0525 0.0418 0.0066  0.0048  -0.0035 315 GLU A C   
45 O O   . GLU A 4 ? 0.0455 0.0822 0.0357 0.0280  0.0068  -0.0027 315 GLU A O   
46 C CB  . GLU A 4 ? 0.0634 0.0728 0.0606 0.0097  0.0040  0.0021  315 GLU A CB  
47 C CG  . GLU A 4 ? 0.0759 0.1338 0.0814 -0.0142 -0.0017 0.0022  315 GLU A CG  
48 C CD  . GLU A 4 ? 0.1656 0.1457 0.0893 -0.0085 -0.0080 -0.0226 315 GLU A CD  
49 O OE1 . GLU A 4 ? 0.1893 0.1442 0.2191 0.0206  0.0601  -0.0424 315 GLU A OE1 
50 O OE2 . GLU A 4 ? 0.2152 0.1606 0.1427 -0.0387 0.0441  -0.0490 315 GLU A OE2 
51 H H   . GLU A 4 ? 0.0386 0.0743 0.0350 0.0018  0.0000  -0.0133 315 GLU A H   
52 H HA  . GLU A 4 ? 0.0463 0.0610 0.0421 0.0025  0.0039  -0.0019 315 GLU A HA  
53 H HB2 . GLU A 4 ? 0.0600 0.0733 0.0594 0.0000  0.0029  -0.0011 315 GLU A HB2 
54 H HB3 . GLU A 4 ? 0.0615 0.0714 0.0593 0.0001  0.0001  0.0018  315 GLU A HB3 
55 H HG2 . GLU A 4 ? 0.0846 0.1064 0.0851 -0.0096 0.0024  -0.0013 315 GLU A HG2 
56 H HG3 . GLU A 4 ? 0.0891 0.1068 0.0855 -0.0094 -0.0026 -0.0029 315 GLU A HG3 
57 N N   . PHE A 5 ? 0.0291 0.0534 0.0282 0.0001  -0.0052 -0.0058 316 PHE A N   
58 C CA  . PHE A 5 ? 0.0309 0.0618 0.0196 -0.0035 0.0006  -0.0083 316 PHE A CA  
59 C C   . PHE A 5 ? 0.0546 0.0878 0.0274 0.0208  -0.0034 -0.0189 316 PHE A C   
60 O O   . PHE A 5 ? 0.0583 0.0681 0.0207 0.0206  0.0060  -0.0156 316 PHE A O   
61 C CB  . PHE A 5 ? 0.0366 0.0615 0.0548 -0.0081 -0.0020 -0.0108 316 PHE A CB  
62 C CG  . PHE A 5 ? 0.0341 0.0618 0.0324 -0.0046 -0.0030 -0.0038 316 PHE A CG  
63 C CD1 . PHE A 5 ? 0.0390 0.0699 0.0358 -0.0165 0.0010  -0.0009 316 PHE A CD1 
64 C CD2 . PHE A 5 ? 0.0519 0.0643 0.0332 -0.0041 -0.0070 -0.0091 316 PHE A CD2 
65 C CE1 . PHE A 5 ? 0.0322 0.0770 0.0521 -0.0080 0.0001  -0.0032 316 PHE A CE1 
66 C CE2 . PHE A 5 ? 0.0490 0.0736 0.0578 -0.0010 -0.0023 -0.0129 316 PHE A CE2 
67 C CZ  . PHE A 5 ? 0.0417 0.0766 0.0577 -0.0013 -0.0044 -0.0124 316 PHE A CZ  
68 H H   . PHE A 5 ? 0.0287 0.0555 0.0291 -0.0010 0.0003  -0.0059 316 PHE A H   
69 H HA  . PHE A 5 ? 0.0308 0.0435 0.0300 -0.0003 -0.0006 -0.0048 316 PHE A HA  
70 H HB2 . PHE A 5 ? 0.0418 0.0625 0.0520 -0.0098 0.0001  -0.0057 316 PHE A HB2 
71 H HB3 . PHE A 5 ? 0.0364 0.0623 0.0501 -0.0066 0.0007  -0.0033 316 PHE A HB3 
72 H HD1 . PHE A 5 ? 0.0308 0.0648 0.0404 -0.0071 -0.0002 -0.0046 316 PHE A HD1 
73 H HD2 . PHE A 5 ? 0.0417 0.0554 0.0418 -0.0086 -0.0009 -0.0025 316 PHE A HD2 
74 H HE1 . PHE A 5 ? 0.0364 0.0661 0.0502 -0.0115 -0.0017 -0.0018 316 PHE A HE1 
75 H HE2 . PHE A 5 ? 0.0447 0.0691 0.0564 -0.0012 -0.0015 -0.0083 316 PHE A HE2 
76 H HZ  . PHE A 5 ? 0.0468 0.0563 0.0520 -0.0028 -0.0017 -0.0011 316 PHE A HZ  
77 N N   . SER A 6 ? 0.0709 0.1148 0.0297 0.0039  -0.0097 -0.0125 317 SER A N   
78 C CA  . SER A 6 ? 0.0687 0.1018 0.0405 -0.0126 0.0025  -0.0148 317 SER A CA  
79 C C   . SER A 6 ? 0.0889 0.0831 0.0495 -0.0402 0.0081  -0.0232 317 SER A C   
80 O O   . SER A 6 ? 0.0752 0.1023 0.0714 -0.0202 -0.0177 -0.0105 317 SER A O   
81 C CB  . SER A 6 ? 0.0906 0.1370 0.0651 -0.0594 0.0305  -0.0154 317 SER A CB  
82 O OG  . SER A 6 ? 0.0978 0.1814 0.1579 -0.0531 0.0274  0.0097  317 SER A OG  
83 O OXT . SER A 6 ? 0.1070 0.1043 0.0451 -0.0503 0.0325  0.0056  317 SER A OXT 
84 H H   . SER A 6 ? 0.0703 0.1011 0.0336 0.0017  -0.0041 -0.0141 317 SER A H   
85 H HA  . SER A 6 ? 0.0655 0.1021 0.0436 -0.0157 0.0043  -0.0147 317 SER A HA  
86 H HB2 . SER A 6 ? 0.0681 0.1299 0.0734 -0.0298 0.0249  -0.0052 317 SER A HB2 
87 H HB3 . SER A 6 ? 0.0933 0.1232 0.0810 -0.0291 0.0045  -0.0094 317 SER A HB3 
88 O O   . HOH B . ? 0.2106 0.2878 0.4602 -0.0945 0.0808  -0.2276 101 HOH A O   
89 O O   . HOH B . ? 0.2670 0.2997 0.3952 0.1093  -0.0671 -0.0087 102 HOH A O   
# 
